data_3SJK
#
_entry.id   3SJK
#
_cell.length_a   74.261
_cell.length_b   74.261
_cell.length_c   102.628
_cell.angle_alpha   90.00
_cell.angle_beta   90.00
_cell.angle_gamma   120.00
#
_symmetry.space_group_name_H-M   'H 3'
#
loop_
_entity.id
_entity.type
_entity.pdbx_description
1 polymer '3C protease'
2 polymer 'KPVLRTATVQGPSLDF peptide'
3 water water
#
loop_
_entity_poly.entity_id
_entity_poly.type
_entity_poly.pdbx_seq_one_letter_code
_entity_poly.pdbx_strand_id
1 'polypeptide(L)'
;MGPSLDFALSLLRRNIRQVQTDQGHFTMLGVRDRLAVLPRHSQPGKTIWIEHKLVNVLDAVELVDEQGVNLELTLITLDT
NEKFRDITKFIPENISTASDATLVINTEHMPSMFVPVGDVVQYGFLNLSGKPTHRTMMYNFPTKAGQAGGVVTSVGKVIG
IHIGGNGRQGFCAGLKRSYFASEQHHHHHH
;
A
2 'polypeptide(L)' KPVLRTA B
#
# COMPACT_ATOMS: atom_id res chain seq x y z
N LEU A 5 -1.62 9.98 -16.07
CA LEU A 5 -1.46 11.42 -15.91
C LEU A 5 -0.22 11.79 -15.10
N ASP A 6 0.07 13.08 -15.04
CA ASP A 6 1.31 13.61 -14.46
C ASP A 6 1.60 13.15 -13.03
N PHE A 7 0.63 13.35 -12.13
CA PHE A 7 0.84 12.99 -10.73
C PHE A 7 1.24 11.53 -10.61
N ALA A 8 0.46 10.65 -11.24
CA ALA A 8 0.71 9.21 -11.19
C ALA A 8 2.14 8.87 -11.61
N LEU A 9 2.56 9.38 -12.77
CA LEU A 9 3.89 9.09 -13.31
C LEU A 9 4.98 9.53 -12.35
N SER A 10 4.79 10.69 -11.74
CA SER A 10 5.77 11.20 -10.80
C SER A 10 5.85 10.27 -9.59
N LEU A 11 4.68 9.88 -9.08
CA LEU A 11 4.58 8.99 -7.93
C LEU A 11 5.31 7.68 -8.16
N LEU A 12 5.16 7.12 -9.35
CA LEU A 12 5.83 5.87 -9.69
C LEU A 12 7.34 6.03 -9.71
N ARG A 13 7.79 7.14 -10.29
CA ARG A 13 9.22 7.41 -10.42
C ARG A 13 9.89 7.61 -9.07
N ARG A 14 9.23 8.35 -8.19
CA ARG A 14 9.86 8.84 -6.98
C ARG A 14 9.55 8.05 -5.72
N ASN A 15 8.49 7.23 -5.75
CA ASN A 15 8.01 6.61 -4.52
C ASN A 15 7.66 5.13 -4.57
N ILE A 16 7.39 4.61 -5.77
CA ILE A 16 6.88 3.25 -5.88
C ILE A 16 7.92 2.28 -6.44
N ARG A 17 8.18 1.21 -5.69
CA ARG A 17 9.28 0.30 -6.00
C ARG A 17 8.82 -1.15 -6.07
N GLN A 18 9.44 -1.90 -6.98
CA GLN A 18 9.20 -3.32 -7.10
C GLN A 18 9.91 -4.04 -5.97
N VAL A 19 9.23 -5.00 -5.37
CA VAL A 19 9.74 -5.67 -4.19
C VAL A 19 9.45 -7.17 -4.24
N GLN A 20 10.22 -7.94 -3.47
CA GLN A 20 10.00 -9.38 -3.39
C GLN A 20 10.31 -9.92 -1.99
N THR A 21 9.32 -10.58 -1.40
CA THR A 21 9.52 -11.24 -0.11
C THR A 21 9.30 -12.73 -0.32
N ASP A 22 9.27 -13.48 0.78
CA ASP A 22 9.05 -14.92 0.69
C ASP A 22 7.61 -15.23 0.26
N GLN A 23 6.75 -14.22 0.31
CA GLN A 23 5.36 -14.39 -0.09
C GLN A 23 5.11 -14.04 -1.56
N GLY A 24 6.08 -13.41 -2.21
CA GLY A 24 5.95 -13.13 -3.63
C GLY A 24 6.36 -11.73 -4.03
N HIS A 25 5.81 -11.28 -5.16
CA HIS A 25 6.13 -9.97 -5.72
C HIS A 25 5.10 -8.94 -5.28
N PHE A 26 5.58 -7.79 -4.82
CA PHE A 26 4.70 -6.76 -4.33
C PHE A 26 5.13 -5.38 -4.80
N THR A 27 4.15 -4.49 -4.90
CA THR A 27 4.39 -3.08 -5.10
C THR A 27 4.55 -2.41 -3.73
N MET A 28 5.51 -1.51 -3.60
CA MET A 28 5.78 -0.87 -2.31
C MET A 28 5.76 0.65 -2.42
N LEU A 29 5.09 1.30 -1.48
CA LEU A 29 5.04 2.74 -1.44
C LEU A 29 6.00 3.32 -0.41
N GLY A 30 6.94 4.14 -0.87
CA GLY A 30 7.79 4.89 0.03
C GLY A 30 7.10 6.21 0.34
N VAL A 31 7.02 6.56 1.61
CA VAL A 31 6.22 7.72 2.04
C VAL A 31 7.07 8.95 2.36
N ARG A 32 8.09 8.75 3.18
CA ARG A 32 9.00 9.81 3.55
C ARG A 32 10.22 9.18 4.22
N ASP A 33 11.36 9.86 4.15
CA ASP A 33 12.59 9.34 4.74
C ASP A 33 12.73 7.89 4.28
N ARG A 34 12.95 6.99 5.22
CA ARG A 34 13.20 5.59 4.90
C ARG A 34 12.04 4.74 5.37
N LEU A 35 10.86 5.35 5.40
CA LEU A 35 9.64 4.68 5.83
C LEU A 35 8.81 4.23 4.64
N ALA A 36 8.46 2.95 4.61
CA ALA A 36 7.67 2.42 3.51
C ALA A 36 6.52 1.56 4.02
N VAL A 37 5.58 1.23 3.15
CA VAL A 37 4.42 0.45 3.56
C VAL A 37 4.05 -0.64 2.54
N LEU A 38 3.59 -1.78 3.07
CA LEU A 38 3.29 -2.97 2.31
C LEU A 38 1.98 -3.58 2.78
N PRO A 39 1.36 -4.40 1.92
CA PRO A 39 0.21 -5.16 2.41
C PRO A 39 0.70 -6.16 3.45
N ARG A 40 -0.02 -6.26 4.56
CA ARG A 40 0.38 -7.10 5.67
C ARG A 40 0.74 -8.53 5.25
N HIS A 41 0.00 -9.11 4.30
CA HIS A 41 0.25 -10.50 3.90
C HIS A 41 1.56 -10.70 3.14
N SER A 42 2.18 -9.61 2.68
CA SER A 42 3.50 -9.70 2.08
C SER A 42 4.52 -10.18 3.11
N GLN A 43 4.23 -9.93 4.39
CA GLN A 43 5.03 -10.48 5.48
C GLN A 43 6.53 -10.25 5.35
N PRO A 44 6.95 -8.98 5.32
CA PRO A 44 8.39 -8.68 5.20
C PRO A 44 9.20 -9.40 6.29
N GLY A 45 10.43 -9.77 5.97
CA GLY A 45 11.30 -10.42 6.92
C GLY A 45 12.42 -9.53 7.40
N LYS A 46 13.52 -10.13 7.84
CA LYS A 46 14.69 -9.36 8.30
C LYS A 46 15.27 -8.57 7.14
N THR A 47 14.98 -9.03 5.93
CA THR A 47 15.47 -8.40 4.70
C THR A 47 14.41 -8.48 3.59
N ILE A 48 14.56 -7.62 2.59
CA ILE A 48 13.70 -7.68 1.40
C ILE A 48 14.46 -7.29 0.15
N TRP A 49 14.07 -7.89 -0.97
CA TRP A 49 14.64 -7.54 -2.27
C TRP A 49 13.90 -6.34 -2.86
N ILE A 50 14.58 -5.21 -2.92
CA ILE A 50 14.03 -4.02 -3.53
C ILE A 50 14.79 -3.70 -4.82
N GLU A 51 14.13 -3.87 -5.96
CA GLU A 51 14.77 -3.60 -7.24
C GLU A 51 16.01 -4.47 -7.41
N HIS A 52 15.90 -5.73 -6.99
CA HIS A 52 17.00 -6.69 -7.11
C HIS A 52 18.14 -6.44 -6.13
N LYS A 53 17.89 -5.58 -5.14
CA LYS A 53 18.89 -5.25 -4.13
C LYS A 53 18.43 -5.69 -2.74
N LEU A 54 19.27 -6.46 -2.06
CA LEU A 54 18.92 -7.01 -0.75
C LEU A 54 19.07 -5.95 0.32
N VAL A 55 17.94 -5.42 0.78
CA VAL A 55 17.95 -4.34 1.77
C VAL A 55 17.52 -4.82 3.16
N ASN A 56 18.15 -4.25 4.18
CA ASN A 56 17.82 -4.57 5.56
C ASN A 56 16.57 -3.84 6.02
N VAL A 57 15.63 -4.58 6.60
CA VAL A 57 14.48 -3.99 7.26
C VAL A 57 14.80 -3.80 8.74
N LEU A 58 14.73 -2.55 9.20
CA LEU A 58 15.13 -2.23 10.57
C LEU A 58 13.95 -2.29 11.55
N ASP A 59 12.76 -1.92 11.08
CA ASP A 59 11.56 -1.97 11.90
C ASP A 59 10.36 -2.41 11.08
N ALA A 60 9.46 -3.16 11.70
CA ALA A 60 8.25 -3.63 11.03
C ALA A 60 7.07 -3.66 11.99
N VAL A 61 6.10 -2.78 11.75
CA VAL A 61 4.95 -2.65 12.64
C VAL A 61 3.65 -2.83 11.87
N GLU A 62 2.81 -3.75 12.34
CA GLU A 62 1.52 -4.00 11.71
C GLU A 62 0.39 -3.19 12.33
N LEU A 63 -0.36 -2.50 11.48
CA LEU A 63 -1.42 -1.59 11.92
C LEU A 63 -2.73 -2.31 12.19
N VAL A 64 -3.35 -1.96 13.32
CA VAL A 64 -4.65 -2.50 13.68
C VAL A 64 -5.53 -1.35 14.11
N ASP A 65 -6.84 -1.54 14.05
CA ASP A 65 -7.75 -0.45 14.38
C ASP A 65 -7.94 -0.33 15.90
N GLU A 66 -8.73 0.66 16.30
CA GLU A 66 -8.98 0.97 17.71
C GLU A 66 -9.33 -0.27 18.54
N GLN A 67 -9.90 -1.29 17.91
CA GLN A 67 -10.30 -2.50 18.61
C GLN A 67 -9.38 -3.68 18.31
N GLY A 68 -8.20 -3.37 17.77
CA GLY A 68 -7.18 -4.38 17.53
C GLY A 68 -7.40 -5.23 16.29
N VAL A 69 -8.31 -4.79 15.43
CA VAL A 69 -8.58 -5.53 14.20
C VAL A 69 -7.66 -5.12 13.05
N ASN A 70 -7.16 -6.13 12.34
CA ASN A 70 -6.26 -5.95 11.21
C ASN A 70 -6.67 -4.82 10.26
N LEU A 71 -5.71 -3.98 9.88
CA LEU A 71 -5.93 -2.98 8.83
C LEU A 71 -5.19 -3.37 7.55
N GLU A 72 -4.43 -4.46 7.62
CA GLU A 72 -3.72 -5.02 6.47
C GLU A 72 -2.61 -4.13 5.94
N LEU A 73 -2.02 -3.34 6.83
CA LEU A 73 -0.94 -2.43 6.48
C LEU A 73 0.26 -2.64 7.38
N THR A 74 1.42 -2.90 6.77
CA THR A 74 2.66 -3.02 7.50
C THR A 74 3.60 -1.86 7.18
N LEU A 75 4.05 -1.17 8.23
CA LEU A 75 4.96 -0.03 8.11
C LEU A 75 6.38 -0.44 8.43
N ILE A 76 7.27 -0.31 7.46
CA ILE A 76 8.65 -0.75 7.63
C ILE A 76 9.66 0.40 7.54
N THR A 77 10.74 0.29 8.32
CA THR A 77 11.87 1.20 8.21
C THR A 77 13.02 0.50 7.49
N LEU A 78 13.60 1.17 6.50
CA LEU A 78 14.54 0.53 5.58
C LEU A 78 15.99 0.99 5.75
N ASP A 79 16.91 0.08 5.48
CA ASP A 79 18.34 0.37 5.59
C ASP A 79 18.91 0.86 4.27
N THR A 80 18.74 2.13 4.02
CA THR A 80 18.79 2.55 2.66
C THR A 80 19.66 3.67 2.46
N ASN A 81 20.10 3.72 1.23
CA ASN A 81 20.98 4.74 0.78
C ASN A 81 20.22 5.76 0.00
N GLU A 82 19.45 6.57 0.71
CA GLU A 82 18.65 7.60 0.11
C GLU A 82 17.47 7.71 1.00
N LYS A 83 16.73 8.75 0.77
CA LYS A 83 15.41 8.97 1.35
C LYS A 83 14.31 9.08 0.29
N PHE A 84 13.13 8.56 0.60
CA PHE A 84 11.97 8.72 -0.27
C PHE A 84 11.51 10.17 -0.29
N ARG A 85 11.06 10.63 -1.44
CA ARG A 85 10.41 11.93 -1.52
C ARG A 85 9.21 11.89 -0.57
N ASP A 86 8.94 12.99 0.11
CA ASP A 86 7.92 13.05 1.15
C ASP A 86 6.53 13.34 0.58
N ILE A 87 5.64 12.38 0.70
CA ILE A 87 4.30 12.50 0.09
C ILE A 87 3.17 12.48 1.11
N THR A 88 3.50 12.67 2.39
CA THR A 88 2.48 12.65 3.43
C THR A 88 1.38 13.67 3.16
N LYS A 89 1.73 14.76 2.50
CA LYS A 89 0.77 15.82 2.20
C LYS A 89 -0.18 15.42 1.06
N PHE A 90 0.16 14.34 0.36
CA PHE A 90 -0.70 13.86 -0.71
C PHE A 90 -1.66 12.81 -0.17
N ILE A 91 -1.41 12.38 1.06
CA ILE A 91 -2.29 11.46 1.75
C ILE A 91 -3.27 12.26 2.58
N PRO A 92 -4.58 12.00 2.41
CA PRO A 92 -5.61 12.78 3.11
C PRO A 92 -5.55 12.57 4.61
N GLU A 93 -6.12 13.50 5.36
CA GLU A 93 -6.21 13.41 6.80
C GLU A 93 -7.17 12.30 7.20
N ASN A 94 -8.25 12.17 6.43
CA ASN A 94 -9.24 11.12 6.66
C ASN A 94 -9.33 10.21 5.45
N ILE A 95 -9.51 8.92 5.70
CA ILE A 95 -9.71 7.96 4.60
C ILE A 95 -10.76 8.52 3.65
N SER A 96 -10.39 8.71 2.39
CA SER A 96 -11.26 9.42 1.44
C SER A 96 -11.62 8.60 0.21
N THR A 97 -12.88 8.74 -0.21
CA THR A 97 -13.37 8.11 -1.43
C THR A 97 -12.80 8.83 -2.65
N ALA A 98 -13.09 8.33 -3.85
CA ALA A 98 -12.57 8.92 -5.07
C ALA A 98 -13.43 8.60 -6.29
N SER A 99 -13.27 9.40 -7.35
CA SER A 99 -14.12 9.27 -8.53
C SER A 99 -13.49 8.47 -9.67
N ASP A 100 -12.32 8.90 -10.16
CA ASP A 100 -11.74 8.21 -11.32
C ASP A 100 -10.32 7.77 -11.00
N ALA A 101 -10.21 6.86 -10.04
CA ALA A 101 -8.93 6.50 -9.45
C ALA A 101 -8.06 5.67 -10.39
N THR A 102 -6.76 5.95 -10.36
CA THR A 102 -5.76 5.12 -11.02
C THR A 102 -5.07 4.22 -9.99
N LEU A 103 -5.05 2.93 -10.26
CA LEU A 103 -4.29 2.00 -9.45
C LEU A 103 -2.89 1.81 -10.04
N VAL A 104 -1.89 2.29 -9.32
CA VAL A 104 -0.51 2.19 -9.77
C VAL A 104 0.14 0.89 -9.29
N ILE A 105 0.56 0.06 -10.23
CA ILE A 105 1.20 -1.21 -9.91
C ILE A 105 2.62 -1.23 -10.45
N ASN A 106 3.52 -1.89 -9.72
CA ASN A 106 4.92 -1.95 -10.13
C ASN A 106 5.65 -3.10 -9.45
N THR A 107 5.54 -4.29 -10.03
CA THR A 107 6.36 -5.42 -9.58
C THR A 107 7.24 -5.82 -10.73
N GLU A 108 8.17 -6.74 -10.49
CA GLU A 108 9.02 -7.21 -11.57
C GLU A 108 8.17 -7.84 -12.67
N HIS A 109 7.04 -8.42 -12.27
CA HIS A 109 6.16 -9.12 -13.21
C HIS A 109 5.05 -8.25 -13.81
N MET A 110 4.68 -7.19 -13.09
CA MET A 110 3.72 -6.21 -13.59
C MET A 110 4.31 -4.82 -13.39
N PRO A 111 5.26 -4.43 -14.26
CA PRO A 111 6.03 -3.20 -14.08
C PRO A 111 5.27 -1.94 -14.51
N SER A 112 5.48 -0.85 -13.78
CA SER A 112 5.06 0.48 -14.19
C SER A 112 3.69 0.53 -14.85
N MET A 113 2.68 0.01 -14.16
CA MET A 113 1.33 -0.06 -14.72
C MET A 113 0.36 0.92 -14.08
N PHE A 114 -0.56 1.45 -14.89
CA PHE A 114 -1.63 2.30 -14.40
C PHE A 114 -2.99 1.68 -14.77
N VAL A 115 -3.68 1.16 -13.76
CA VAL A 115 -4.94 0.47 -13.96
C VAL A 115 -6.13 1.37 -13.61
N PRO A 116 -7.03 1.62 -14.58
CA PRO A 116 -8.20 2.48 -14.34
C PRO A 116 -9.29 1.73 -13.57
N VAL A 117 -9.39 1.95 -12.27
CA VAL A 117 -10.30 1.16 -11.43
C VAL A 117 -11.70 1.77 -11.23
N GLY A 118 -11.88 3.01 -11.69
CA GLY A 118 -13.15 3.70 -11.56
C GLY A 118 -13.36 4.35 -10.21
N ASP A 119 -14.61 4.44 -9.76
CA ASP A 119 -14.95 5.05 -8.48
C ASP A 119 -14.48 4.18 -7.30
N VAL A 120 -13.96 4.84 -6.27
CA VAL A 120 -13.59 4.16 -5.03
C VAL A 120 -14.60 4.55 -3.93
N VAL A 121 -15.31 3.56 -3.43
CA VAL A 121 -16.37 3.79 -2.48
C VAL A 121 -15.97 3.26 -1.10
N GLN A 122 -16.57 3.81 -0.06
CA GLN A 122 -16.30 3.35 1.30
C GLN A 122 -16.89 1.96 1.50
N TYR A 123 -16.05 1.02 1.91
CA TYR A 123 -16.51 -0.34 2.18
C TYR A 123 -16.59 -0.55 3.69
N GLY A 124 -15.46 -0.91 4.30
CA GLY A 124 -15.42 -1.12 5.74
C GLY A 124 -14.87 -2.48 6.08
N PHE A 125 -15.74 -3.38 6.50
CA PHE A 125 -15.32 -4.74 6.84
C PHE A 125 -15.02 -5.56 5.58
N LEU A 126 -13.96 -6.36 5.65
CA LEU A 126 -13.60 -7.24 4.54
C LEU A 126 -12.96 -8.52 5.04
N ASN A 127 -13.50 -9.65 4.62
CA ASN A 127 -12.82 -10.93 4.81
C ASN A 127 -11.79 -11.16 3.70
N LEU A 128 -10.56 -10.71 3.94
CA LEU A 128 -9.49 -10.89 2.98
C LEU A 128 -8.82 -12.26 3.17
N SER A 129 -9.20 -13.22 2.35
CA SER A 129 -8.59 -14.55 2.37
C SER A 129 -8.71 -15.23 3.73
N GLY A 130 -9.77 -14.94 4.46
CA GLY A 130 -10.00 -15.59 5.75
C GLY A 130 -9.56 -14.73 6.91
N LYS A 131 -8.92 -13.60 6.60
CA LYS A 131 -8.47 -12.67 7.63
C LYS A 131 -9.31 -11.41 7.63
N PRO A 132 -10.06 -11.17 8.72
CA PRO A 132 -10.91 -9.99 8.88
C PRO A 132 -10.11 -8.69 8.81
N THR A 133 -10.58 -7.74 8.02
CA THR A 133 -9.89 -6.47 7.84
C THR A 133 -10.89 -5.31 7.95
N HIS A 134 -10.44 -4.17 8.45
CA HIS A 134 -11.29 -2.98 8.56
C HIS A 134 -10.71 -1.81 7.75
N ARG A 135 -11.50 -0.75 7.62
CA ARG A 135 -11.07 0.47 6.93
C ARG A 135 -10.71 0.23 5.47
N THR A 136 -11.42 -0.70 4.82
CA THR A 136 -11.19 -0.97 3.42
C THR A 136 -12.10 -0.12 2.55
N MET A 137 -11.69 0.07 1.30
CA MET A 137 -12.54 0.68 0.28
C MET A 137 -12.58 -0.26 -0.92
N MET A 138 -13.52 -0.01 -1.83
CA MET A 138 -13.78 -0.94 -2.92
C MET A 138 -13.93 -0.23 -4.26
N TYR A 139 -13.49 -0.91 -5.31
CA TYR A 139 -13.71 -0.44 -6.67
C TYR A 139 -14.21 -1.58 -7.55
N ASN A 140 -15.07 -1.25 -8.51
CA ASN A 140 -15.59 -2.23 -9.45
C ASN A 140 -14.65 -2.38 -10.63
N PHE A 141 -13.70 -3.30 -10.49
CA PHE A 141 -12.75 -3.60 -11.55
C PHE A 141 -12.21 -5.00 -11.33
N PRO A 142 -12.19 -5.80 -12.40
CA PRO A 142 -11.69 -7.18 -12.34
C PRO A 142 -10.22 -7.21 -11.97
N THR A 143 -9.93 -6.95 -10.70
CA THR A 143 -8.55 -6.92 -10.23
C THR A 143 -8.02 -8.33 -10.12
N LYS A 144 -6.73 -8.51 -10.42
CA LYS A 144 -6.15 -9.85 -10.44
C LYS A 144 -5.05 -10.04 -9.41
N ALA A 145 -4.49 -11.25 -9.37
CA ALA A 145 -3.42 -11.58 -8.45
C ALA A 145 -2.13 -10.88 -8.83
N GLY A 146 -1.32 -10.54 -7.83
CA GLY A 146 -0.04 -9.89 -8.07
C GLY A 146 -0.13 -8.38 -8.05
N GLN A 147 -1.27 -7.85 -7.65
CA GLN A 147 -1.48 -6.40 -7.64
C GLN A 147 -1.48 -5.80 -6.22
N ALA A 148 -1.29 -6.65 -5.23
CA ALA A 148 -1.28 -6.21 -3.83
C ALA A 148 -0.13 -5.24 -3.53
N GLY A 149 -0.46 -4.16 -2.84
CA GLY A 149 0.51 -3.12 -2.54
C GLY A 149 0.39 -1.99 -3.54
N GLY A 150 -0.36 -2.24 -4.61
CA GLY A 150 -0.65 -1.23 -5.60
C GLY A 150 -1.21 0.01 -4.94
N VAL A 151 -0.86 1.16 -5.50
CA VAL A 151 -1.22 2.44 -4.90
C VAL A 151 -2.41 3.12 -5.58
N VAL A 152 -3.47 3.34 -4.83
CA VAL A 152 -4.66 4.00 -5.37
C VAL A 152 -4.54 5.52 -5.25
N THR A 153 -4.73 6.21 -6.37
CA THR A 153 -4.61 7.66 -6.42
C THR A 153 -5.67 8.29 -7.27
N SER A 154 -6.03 9.53 -6.95
CA SER A 154 -6.87 10.35 -7.82
C SER A 154 -6.81 11.86 -7.56
N VAL A 155 -6.57 12.62 -8.63
CA VAL A 155 -6.25 14.04 -8.57
C VAL A 155 -5.28 14.54 -7.50
N GLY A 156 -4.15 13.86 -7.40
CA GLY A 156 -3.09 14.28 -6.50
C GLY A 156 -3.17 13.73 -5.09
N LYS A 157 -4.08 12.78 -4.87
CA LYS A 157 -4.27 12.23 -3.52
C LYS A 157 -3.95 10.74 -3.46
N VAL A 158 -3.16 10.36 -2.47
CA VAL A 158 -2.80 8.96 -2.23
C VAL A 158 -3.72 8.40 -1.14
N ILE A 159 -4.67 7.57 -1.54
CA ILE A 159 -5.80 7.24 -0.69
C ILE A 159 -5.92 5.79 -0.24
N GLY A 160 -5.16 4.88 -0.85
CA GLY A 160 -5.29 3.48 -0.52
C GLY A 160 -4.20 2.59 -1.06
N ILE A 161 -4.08 1.41 -0.47
CA ILE A 161 -3.13 0.39 -0.94
C ILE A 161 -3.91 -0.86 -1.31
N HIS A 162 -3.76 -1.33 -2.54
CA HIS A 162 -4.48 -2.52 -2.97
C HIS A 162 -4.10 -3.72 -2.13
N ILE A 163 -5.09 -4.42 -1.57
CA ILE A 163 -4.81 -5.58 -0.75
C ILE A 163 -5.39 -6.89 -1.29
N GLY A 164 -6.41 -6.80 -2.13
CA GLY A 164 -7.02 -8.01 -2.68
C GLY A 164 -8.19 -7.76 -3.59
N GLY A 165 -8.79 -8.85 -4.09
CA GLY A 165 -9.91 -8.79 -4.99
C GLY A 165 -10.65 -10.11 -5.13
N ASN A 166 -11.94 -10.03 -5.46
CA ASN A 166 -12.76 -11.23 -5.57
C ASN A 166 -13.13 -11.61 -7.01
N GLY A 167 -12.50 -10.96 -7.99
CA GLY A 167 -12.75 -11.25 -9.38
C GLY A 167 -13.50 -10.14 -10.10
N ARG A 168 -14.60 -9.67 -9.51
CA ARG A 168 -15.36 -8.56 -10.06
C ARG A 168 -14.95 -7.26 -9.40
N GLN A 169 -14.50 -7.36 -8.15
CA GLN A 169 -14.23 -6.19 -7.33
C GLN A 169 -12.81 -6.19 -6.79
N GLY A 170 -12.25 -4.98 -6.63
CA GLY A 170 -10.95 -4.81 -6.01
C GLY A 170 -11.11 -4.11 -4.67
N PHE A 171 -10.18 -4.38 -3.76
CA PHE A 171 -10.23 -3.80 -2.43
C PHE A 171 -8.89 -3.24 -2.01
N CYS A 172 -8.92 -2.06 -1.38
CA CYS A 172 -7.71 -1.42 -0.89
C CYS A 172 -7.87 -1.08 0.59
N ALA A 173 -6.74 -1.00 1.29
CA ALA A 173 -6.75 -0.48 2.66
C ALA A 173 -6.66 1.04 2.56
N GLY A 174 -7.52 1.73 3.29
CA GLY A 174 -7.55 3.18 3.27
C GLY A 174 -6.29 3.79 3.86
N LEU A 175 -5.92 4.95 3.36
CA LEU A 175 -4.75 5.66 3.87
C LEU A 175 -5.13 6.95 4.61
N LYS A 176 -4.67 7.09 5.84
CA LYS A 176 -4.81 8.33 6.59
C LYS A 176 -3.42 8.89 6.81
N ARG A 177 -3.31 10.21 6.87
CA ARG A 177 -2.01 10.84 7.10
C ARG A 177 -1.41 10.38 8.42
N SER A 178 -2.26 10.20 9.43
CA SER A 178 -1.81 9.89 10.78
C SER A 178 -0.97 8.62 10.85
N TYR A 179 -1.19 7.71 9.91
CA TYR A 179 -0.43 6.45 9.89
C TYR A 179 1.07 6.73 9.75
N PHE A 180 1.42 7.91 9.25
CA PHE A 180 2.80 8.17 8.84
C PHE A 180 3.50 9.32 9.55
N ALA A 181 2.83 9.96 10.50
CA ALA A 181 3.44 11.07 11.23
C ALA A 181 4.80 10.70 11.84
N SER A 182 5.70 11.68 11.86
CA SER A 182 7.13 11.46 12.17
C SER A 182 7.44 10.39 13.24
N GLU A 183 8.27 9.43 12.84
CA GLU A 183 8.61 8.27 13.67
C GLU A 183 7.42 7.78 14.49
N LYS B 1 6.66 -13.18 16.30
CA LYS B 1 5.35 -12.53 16.30
C LYS B 1 5.46 -11.06 15.96
N PRO B 2 4.44 -10.51 15.29
CA PRO B 2 4.47 -9.14 14.78
C PRO B 2 4.33 -8.10 15.87
N VAL B 3 5.03 -6.99 15.73
CA VAL B 3 4.80 -5.81 16.55
C VAL B 3 3.58 -5.09 16.00
N LEU B 4 2.63 -4.79 16.87
CA LEU B 4 1.36 -4.17 16.47
C LEU B 4 1.31 -2.70 16.87
N ARG B 5 0.38 -1.97 16.26
CA ARG B 5 0.13 -0.58 16.62
C ARG B 5 -1.32 -0.21 16.32
N THR B 6 -2.04 0.31 17.31
CA THR B 6 -3.38 0.83 17.07
C THR B 6 -3.31 2.13 16.31
N ALA B 7 -4.02 2.21 15.20
CA ALA B 7 -3.99 3.41 14.37
C ALA B 7 -5.39 3.86 13.99
#